data_6GR0
#
_entry.id   6GR0
#
_cell.length_a   95.336
_cell.length_b   112.170
_cell.length_c   124.849
_cell.angle_alpha   90.000
_cell.angle_beta   90.000
_cell.angle_gamma   90.000
#
_symmetry.space_group_name_H-M   'I 2 2 2'
#
loop_
_entity.id
_entity.type
_entity.pdbx_description
1 polymer 'Neutrophil gelatinase-associated lipocalin'
2 non-polymer '4-[4-[3-[[3,4-bis(oxidanyl)phenyl]carbonylamino]propylamino]butylamino]-2-[2-[4-[3-[[3,4-bis(oxidanyl)phenyl]carbonylamino]propylamino]butylamino]-2-oxidanylidene-ethyl]-2-oxidanyl-4-oxidanylidene-butanoic acid'
3 non-polymer 'GALLIUM (III) ION'
4 water water
#
_entity_poly.entity_id   1
_entity_poly.type   'polypeptide(L)'
_entity_poly.pdbx_seq_one_letter_code
;SDLIPAPPLSKVPLQQNFQDNQFHGKWYVVGFAENIQQREDKDPPKMIATIYELKEDKSYNVTNVASNWEKCTYRIKTFV
PGSQPGEFTLGEIKSRPGMTSYLVRVVSTNYNQHAMVFFKTVVQNREKFWITLYGRTKELTSELKENFIRFSKSLGLPEN
HIVFPVPIDQCIDG
;
_entity_poly.pdbx_strand_id   A,B,C
#
loop_
_chem_comp.id
_chem_comp.type
_chem_comp.name
_chem_comp.formula
F8W non-polymer '4-[4-[3-[[3,4-bis(oxidanyl)phenyl]carbonylamino]propylamino]butylamino]-2-[2-[4-[3-[[3,4-bis(oxidanyl)phenyl]carbonylamino]propylamino]butylamino]-2-oxidanylidene-ethyl]-2-oxidanyl-4-oxidanylidene-butanoic acid' 'C34 H50 N6 O11'
GA non-polymer 'GALLIUM (III) ION' 'Ga 3'
#
# COMPACT_ATOMS: atom_id res chain seq x y z
N ASP A 2 -33.64 -13.76 22.20
CA ASP A 2 -33.96 -13.55 20.75
C ASP A 2 -32.66 -13.40 19.93
N LEU A 3 -31.54 -13.07 20.57
CA LEU A 3 -30.22 -12.95 19.88
C LEU A 3 -30.13 -14.02 18.78
N ILE A 4 -29.75 -13.61 17.57
CA ILE A 4 -29.89 -14.42 16.36
C ILE A 4 -28.89 -15.56 16.40
N PRO A 5 -29.34 -16.84 16.28
CA PRO A 5 -28.43 -17.98 16.38
C PRO A 5 -27.47 -18.04 15.19
N ALA A 6 -26.26 -18.53 15.43
CA ALA A 6 -25.29 -18.78 14.36
C ALA A 6 -25.87 -19.83 13.40
N PRO A 7 -25.63 -19.70 12.08
CA PRO A 7 -25.98 -20.77 11.14
C PRO A 7 -25.06 -21.95 11.37
N PRO A 8 -25.37 -23.16 10.85
CA PRO A 8 -24.44 -24.28 10.95
C PRO A 8 -23.25 -23.98 10.01
N LEU A 9 -22.02 -24.32 10.42
CA LEU A 9 -20.81 -23.98 9.66
C LEU A 9 -20.87 -24.52 8.23
N SER A 10 -21.64 -25.59 8.02
CA SER A 10 -21.80 -26.20 6.70
C SER A 10 -22.63 -25.32 5.77
N LYS A 11 -23.27 -24.27 6.29
CA LYS A 11 -24.05 -23.31 5.48
C LYS A 11 -23.23 -22.05 5.21
N VAL A 12 -22.00 -22.00 5.75
CA VAL A 12 -21.08 -20.88 5.52
C VAL A 12 -20.06 -21.32 4.48
N PRO A 13 -20.16 -20.82 3.23
CA PRO A 13 -19.19 -21.18 2.20
C PRO A 13 -17.76 -20.82 2.63
N LEU A 14 -16.81 -21.58 2.11
CA LEU A 14 -15.38 -21.31 2.17
C LEU A 14 -14.89 -20.99 0.76
N GLN A 15 -14.08 -19.94 0.60
CA GLN A 15 -13.45 -19.62 -0.70
C GLN A 15 -12.65 -20.83 -1.17
N GLN A 16 -12.96 -21.31 -2.36
CA GLN A 16 -12.23 -22.42 -2.94
C GLN A 16 -10.80 -21.94 -3.29
N ASN A 17 -9.84 -22.83 -3.03
CA ASN A 17 -8.42 -22.67 -3.43
C ASN A 17 -7.82 -21.44 -2.76
N PHE A 18 -8.07 -21.25 -1.47
CA PHE A 18 -7.68 -20.02 -0.79
C PHE A 18 -6.17 -19.80 -0.94
N GLN A 19 -5.79 -18.62 -1.44
CA GLN A 19 -4.40 -18.20 -1.63
C GLN A 19 -4.01 -17.20 -0.53
N ASP A 20 -3.30 -17.67 0.50
CA ASP A 20 -3.00 -16.85 1.67
C ASP A 20 -2.05 -15.69 1.32
N ASN A 21 -1.12 -15.89 0.38
CA ASN A 21 -0.22 -14.80 -0.08
C ASN A 21 -1.06 -13.68 -0.74
N GLN A 22 -2.05 -14.04 -1.54
CA GLN A 22 -2.82 -13.05 -2.29
C GLN A 22 -3.84 -12.32 -1.40
N PHE A 23 -4.20 -12.91 -0.25
CA PHE A 23 -5.14 -12.27 0.65
C PHE A 23 -4.45 -11.25 1.56
N HIS A 24 -3.12 -11.15 1.50
CA HIS A 24 -2.35 -10.31 2.42
C HIS A 24 -2.63 -8.81 2.19
N GLY A 25 -2.20 -8.00 3.16
CA GLY A 25 -2.20 -6.55 3.05
C GLY A 25 -3.45 -5.93 3.63
N LYS A 26 -3.75 -4.73 3.18
CA LYS A 26 -4.77 -3.91 3.79
C LYS A 26 -6.11 -4.17 3.12
N TRP A 27 -7.11 -4.47 3.97
CA TRP A 27 -8.50 -4.47 3.61
C TRP A 27 -9.24 -3.43 4.45
N TYR A 28 -10.05 -2.61 3.78
CA TYR A 28 -10.98 -1.71 4.42
C TYR A 28 -12.25 -2.50 4.74
N VAL A 29 -12.78 -2.31 5.96
CA VAL A 29 -14.00 -2.95 6.33
C VAL A 29 -15.16 -2.04 5.92
N VAL A 30 -15.65 -2.27 4.70
CA VAL A 30 -16.60 -1.38 4.05
C VAL A 30 -18.03 -1.69 4.48
N GLY A 31 -18.25 -2.89 5.03
CA GLY A 31 -19.55 -3.29 5.57
C GLY A 31 -19.38 -4.37 6.62
N PHE A 32 -20.35 -4.49 7.53
CA PHE A 32 -20.37 -5.58 8.47
C PHE A 32 -21.80 -5.83 8.93
N ALA A 33 -22.04 -7.07 9.37
CA ALA A 33 -23.29 -7.49 9.94
C ALA A 33 -22.98 -8.41 11.13
N GLU A 34 -23.74 -8.27 12.21
CA GLU A 34 -23.52 -9.13 13.36
C GLU A 34 -24.83 -9.42 14.07
N ASN A 35 -24.84 -10.52 14.83
CA ASN A 35 -26.06 -11.05 15.45
C ASN A 35 -26.42 -10.25 16.69
N ILE A 36 -25.44 -9.53 17.24
CA ILE A 36 -25.59 -8.81 18.49
C ILE A 36 -26.32 -7.49 18.26
N GLN A 37 -25.81 -6.63 17.37
CA GLN A 37 -26.41 -5.31 17.18
C GLN A 37 -25.79 -4.52 16.01
N GLN A 38 -26.47 -3.38 15.76
CA GLN A 38 -25.98 -2.17 15.09
C GLN A 38 -26.01 -1.06 16.14
N ARG A 39 -25.56 -1.40 17.36
CA ARG A 39 -25.80 -0.67 18.65
C ARG A 39 -27.27 -0.23 18.72
N GLU A 40 -27.51 1.10 18.79
CA GLU A 40 -28.86 1.77 18.84
C GLU A 40 -28.83 2.93 19.87
N ASP A 41 -27.84 3.84 19.69
CA ASP A 41 -27.79 5.20 20.30
C ASP A 41 -26.44 5.84 19.91
N LYS A 42 -26.15 5.82 18.60
CA LYS A 42 -24.84 6.14 18.02
C LYS A 42 -25.00 6.66 16.58
N ASP A 43 -24.15 7.63 16.20
CA ASP A 43 -23.91 8.01 14.80
C ASP A 43 -23.29 6.82 14.08
N PRO A 44 -23.25 6.78 12.73
CA PRO A 44 -22.71 5.61 12.00
C PRO A 44 -21.21 5.53 12.27
N PRO A 45 -20.62 4.33 12.31
CA PRO A 45 -19.23 4.19 12.78
C PRO A 45 -18.23 4.61 11.69
N LYS A 46 -17.02 4.98 12.10
CA LYS A 46 -15.92 5.20 11.19
C LYS A 46 -15.37 3.87 10.70
N MET A 47 -14.96 3.85 9.43
CA MET A 47 -14.33 2.72 8.82
C MET A 47 -13.00 2.41 9.53
N ILE A 48 -12.69 1.11 9.64
CA ILE A 48 -11.39 0.65 10.07
C ILE A 48 -10.72 -0.06 8.89
N ALA A 49 -9.43 -0.34 9.06
CA ALA A 49 -8.66 -1.18 8.16
C ALA A 49 -8.16 -2.39 8.95
N THR A 50 -8.15 -3.56 8.27
CA THR A 50 -7.56 -4.77 8.79
C THR A 50 -6.46 -5.19 7.81
N ILE A 51 -5.25 -5.29 8.36
CA ILE A 51 -4.03 -5.61 7.63
C ILE A 51 -3.63 -7.04 7.99
N TYR A 52 -3.49 -7.87 6.95
CA TYR A 52 -3.10 -9.28 7.07
C TYR A 52 -1.66 -9.43 6.60
N GLU A 53 -0.76 -9.77 7.53
CA GLU A 53 0.63 -9.99 7.20
C GLU A 53 0.93 -11.47 7.41
N LEU A 54 1.37 -12.15 6.33
CA LEU A 54 1.61 -13.60 6.40
C LEU A 54 2.99 -13.85 7.04
N LYS A 55 3.01 -14.58 8.16
CA LYS A 55 4.27 -14.90 8.86
C LYS A 55 4.90 -16.15 8.24
N GLU A 56 6.13 -16.45 8.64
CA GLU A 56 6.87 -17.58 8.06
C GLU A 56 6.20 -18.92 8.41
N ASP A 57 5.52 -19.00 9.55
CA ASP A 57 4.82 -20.23 9.98
C ASP A 57 3.41 -20.34 9.35
N LYS A 58 3.07 -19.43 8.42
CA LYS A 58 1.81 -19.46 7.61
C LYS A 58 0.58 -18.98 8.42
N SER A 59 0.77 -18.50 9.64
CA SER A 59 -0.27 -17.79 10.35
C SER A 59 -0.22 -16.31 9.95
N TYR A 60 -1.32 -15.59 10.21
CA TYR A 60 -1.40 -14.16 9.91
C TYR A 60 -1.22 -13.35 11.18
N ASN A 61 -0.39 -12.32 11.10
CA ASN A 61 -0.42 -11.21 12.02
C ASN A 61 -1.52 -10.26 11.52
N VAL A 62 -2.54 -10.03 12.35
CA VAL A 62 -3.74 -9.28 11.95
C VAL A 62 -3.82 -7.99 12.77
N THR A 63 -3.74 -6.86 12.08
CA THR A 63 -3.70 -5.54 12.71
C THR A 63 -4.96 -4.75 12.32
N ASN A 64 -5.76 -4.41 13.34
CA ASN A 64 -6.93 -3.56 13.18
C ASN A 64 -6.48 -2.12 13.44
N VAL A 65 -6.60 -1.26 12.42
CA VAL A 65 -6.23 0.16 12.52
C VAL A 65 -7.52 1.00 12.55
N ALA A 66 -7.64 1.82 13.58
CA ALA A 66 -8.88 2.56 13.83
C ALA A 66 -8.56 3.95 14.39
N SER A 67 -9.52 4.83 14.17
CA SER A 67 -9.48 6.19 14.62
C SER A 67 -10.42 6.33 15.81
N ASN A 68 -9.95 6.96 16.89
CA ASN A 68 -10.83 7.38 17.96
C ASN A 68 -10.53 8.86 18.18
N TRP A 69 -11.27 9.51 19.07
CA TRP A 69 -11.16 10.95 19.26
C TRP A 69 -9.72 11.32 19.63
N GLU A 70 -9.00 10.43 20.31
CA GLU A 70 -7.66 10.72 20.81
C GLU A 70 -6.58 10.46 19.73
N LYS A 71 -6.65 9.32 19.04
CA LYS A 71 -5.52 8.84 18.31
C LYS A 71 -5.91 7.63 17.45
N CYS A 72 -4.95 7.18 16.63
CA CYS A 72 -5.05 5.93 15.91
C CYS A 72 -4.65 4.78 16.84
N THR A 73 -5.42 3.70 16.81
CA THR A 73 -5.14 2.49 17.58
C THR A 73 -4.75 1.36 16.61
N TYR A 74 -3.85 0.50 17.11
CA TYR A 74 -3.34 -0.65 16.40
C TYR A 74 -3.57 -1.87 17.30
N ARG A 75 -4.63 -2.65 17.01
CA ARG A 75 -4.95 -3.83 17.80
C ARG A 75 -4.53 -5.06 17.00
N ILE A 76 -3.64 -5.85 17.59
CA ILE A 76 -2.93 -6.90 16.88
C ILE A 76 -3.33 -8.27 17.47
N LYS A 77 -3.58 -9.24 16.60
CA LYS A 77 -3.85 -10.62 17.00
C LYS A 77 -3.31 -11.56 15.92
N THR A 78 -3.34 -12.87 16.19
CA THR A 78 -2.80 -13.90 15.30
C THR A 78 -3.94 -14.81 14.84
N PHE A 79 -4.02 -15.02 13.53
CA PHE A 79 -4.91 -16.01 12.94
C PHE A 79 -4.05 -17.22 12.55
N VAL A 80 -4.25 -18.32 13.29
CA VAL A 80 -3.56 -19.58 13.07
C VAL A 80 -4.39 -20.44 12.13
N PRO A 81 -3.79 -21.07 11.09
CA PRO A 81 -4.53 -21.88 10.13
C PRO A 81 -5.32 -23.02 10.80
N GLY A 82 -6.57 -23.20 10.38
CA GLY A 82 -7.44 -24.31 10.82
C GLY A 82 -7.31 -25.48 9.86
N SER A 83 -8.36 -26.29 9.76
CA SER A 83 -8.30 -27.59 9.10
C SER A 83 -8.25 -27.45 7.57
N GLN A 84 -8.82 -26.37 7.03
CA GLN A 84 -8.87 -26.13 5.59
C GLN A 84 -8.33 -24.75 5.25
N PRO A 85 -7.66 -24.56 4.09
CA PRO A 85 -7.20 -23.23 3.68
C PRO A 85 -8.37 -22.24 3.69
N GLY A 86 -8.17 -21.12 4.38
CA GLY A 86 -9.15 -20.08 4.48
C GLY A 86 -9.88 -20.08 5.83
N GLU A 87 -9.60 -21.09 6.66
CA GLU A 87 -10.12 -21.15 8.03
C GLU A 87 -8.98 -20.81 9.02
N PHE A 88 -9.33 -20.07 10.07
CA PHE A 88 -8.38 -19.74 11.11
C PHE A 88 -9.06 -19.79 12.47
N THR A 89 -8.21 -19.91 13.49
CA THR A 89 -8.58 -19.68 14.86
C THR A 89 -7.62 -18.64 15.43
N LEU A 90 -7.99 -18.10 16.59
CA LEU A 90 -7.26 -17.03 17.26
C LEU A 90 -6.11 -17.65 18.07
N GLY A 91 -4.88 -17.20 17.82
CA GLY A 91 -3.70 -17.61 18.61
C GLY A 91 -3.86 -17.25 20.09
N GLU A 92 -4.23 -16.00 20.37
CA GLU A 92 -4.18 -15.42 21.73
C GLU A 92 -5.50 -15.67 22.47
N ILE A 93 -6.09 -16.87 22.33
CA ILE A 93 -7.46 -17.10 22.83
C ILE A 93 -7.47 -17.08 24.36
N LYS A 94 -6.38 -17.53 24.99
CA LYS A 94 -6.22 -17.50 26.46
C LYS A 94 -6.33 -16.06 27.01
N SER A 95 -6.01 -15.07 26.18
CA SER A 95 -6.03 -13.67 26.59
C SER A 95 -7.46 -13.08 26.56
N ARG A 96 -8.45 -13.87 26.13
CA ARG A 96 -9.84 -13.45 26.09
C ARG A 96 -10.62 -14.16 27.19
N PRO A 97 -10.92 -13.48 28.32
CA PRO A 97 -11.50 -14.17 29.48
C PRO A 97 -12.81 -14.88 29.11
N GLY A 98 -12.91 -16.16 29.47
CA GLY A 98 -14.12 -16.94 29.26
C GLY A 98 -14.35 -17.35 27.82
N MET A 99 -13.43 -17.03 26.89
CA MET A 99 -13.58 -17.40 25.47
C MET A 99 -13.06 -18.81 25.25
N THR A 100 -13.90 -19.68 24.69
CA THR A 100 -13.57 -21.06 24.40
C THR A 100 -13.40 -21.28 22.89
N SER A 101 -13.71 -20.30 22.05
CA SER A 101 -13.66 -20.50 20.60
C SER A 101 -13.73 -19.16 19.84
N TYR A 102 -12.88 -19.04 18.82
CA TYR A 102 -12.80 -17.89 17.91
C TYR A 102 -12.40 -18.44 16.55
N LEU A 103 -13.34 -18.38 15.60
CA LEU A 103 -13.24 -19.06 14.34
C LEU A 103 -13.40 -18.02 13.22
N VAL A 104 -12.55 -18.13 12.19
CA VAL A 104 -12.60 -17.26 11.05
C VAL A 104 -12.69 -18.14 9.79
N ARG A 105 -13.55 -17.73 8.87
CA ARG A 105 -13.73 -18.42 7.61
C ARG A 105 -13.88 -17.39 6.47
N VAL A 106 -12.90 -17.36 5.57
CA VAL A 106 -12.95 -16.51 4.37
C VAL A 106 -13.98 -17.14 3.43
N VAL A 107 -15.13 -16.47 3.30
CA VAL A 107 -16.29 -16.97 2.63
C VAL A 107 -16.07 -16.86 1.11
N SER A 108 -15.60 -15.70 0.66
CA SER A 108 -15.25 -15.49 -0.74
C SER A 108 -14.29 -14.30 -0.85
N THR A 109 -13.55 -14.26 -1.96
CA THR A 109 -12.70 -13.16 -2.29
C THR A 109 -12.16 -13.31 -3.72
N ASN A 110 -11.92 -12.19 -4.38
CA ASN A 110 -11.15 -12.17 -5.63
C ASN A 110 -9.76 -11.55 -5.37
N TYR A 111 -9.42 -11.31 -4.10
CA TYR A 111 -8.03 -10.96 -3.65
C TYR A 111 -7.69 -9.49 -3.96
N ASN A 112 -8.01 -8.99 -5.16
CA ASN A 112 -7.55 -7.65 -5.53
C ASN A 112 -8.67 -6.60 -5.38
N GLN A 113 -9.87 -7.00 -4.93
CA GLN A 113 -11.00 -6.04 -4.90
C GLN A 113 -11.82 -6.18 -3.62
N HIS A 114 -12.38 -7.36 -3.37
CA HIS A 114 -13.32 -7.52 -2.28
C HIS A 114 -13.18 -8.92 -1.64
N ALA A 115 -13.70 -9.02 -0.42
CA ALA A 115 -13.79 -10.27 0.31
C ALA A 115 -14.97 -10.19 1.27
N MET A 116 -15.48 -11.36 1.66
CA MET A 116 -16.38 -11.48 2.78
C MET A 116 -15.80 -12.53 3.74
N VAL A 117 -15.72 -12.17 5.02
CA VAL A 117 -15.16 -13.04 6.06
C VAL A 117 -16.22 -13.26 7.13
N PHE A 118 -16.40 -14.53 7.53
CA PHE A 118 -17.29 -14.93 8.57
C PHE A 118 -16.47 -15.15 9.85
N PHE A 119 -16.98 -14.65 10.97
CA PHE A 119 -16.34 -14.79 12.27
C PHE A 119 -17.35 -15.39 13.24
N LYS A 120 -16.86 -16.23 14.15
CA LYS A 120 -17.70 -16.75 15.20
C LYS A 120 -16.89 -16.98 16.47
N THR A 121 -17.56 -16.72 17.59
CA THR A 121 -16.96 -16.60 18.90
C THR A 121 -17.92 -17.26 19.88
N VAL A 122 -17.37 -17.94 20.89
CA VAL A 122 -18.16 -18.43 22.02
C VAL A 122 -17.43 -18.03 23.30
N VAL A 123 -18.13 -17.27 24.14
CA VAL A 123 -17.63 -16.71 25.38
C VAL A 123 -18.68 -17.00 26.47
N GLN A 124 -18.29 -17.79 27.47
CA GLN A 124 -19.19 -18.31 28.51
C GLN A 124 -20.48 -18.84 27.86
N ASN A 125 -20.30 -19.59 26.78
CA ASN A 125 -21.39 -20.34 26.11
C ASN A 125 -22.41 -19.39 25.44
N ARG A 126 -22.02 -18.13 25.25
CA ARG A 126 -22.76 -17.18 24.44
C ARG A 126 -22.08 -17.11 23.06
N GLU A 127 -22.82 -17.43 21.99
CA GLU A 127 -22.29 -17.50 20.63
C GLU A 127 -22.51 -16.17 19.91
N LYS A 128 -21.44 -15.56 19.42
CA LYS A 128 -21.53 -14.35 18.62
C LYS A 128 -20.97 -14.62 17.22
N PHE A 129 -21.59 -14.07 16.19
CA PHE A 129 -21.04 -14.17 14.87
C PHE A 129 -21.25 -12.85 14.10
N TRP A 130 -20.36 -12.62 13.13
CA TRP A 130 -20.43 -11.46 12.30
C TRP A 130 -19.74 -11.75 10.96
N ILE A 131 -20.09 -10.93 9.97
CA ILE A 131 -19.58 -11.00 8.63
C ILE A 131 -19.03 -9.62 8.27
N THR A 132 -17.83 -9.57 7.69
CA THR A 132 -17.26 -8.32 7.21
C THR A 132 -17.22 -8.34 5.69
N LEU A 133 -17.51 -7.18 5.10
CA LEU A 133 -17.28 -6.94 3.71
C LEU A 133 -16.00 -6.11 3.60
N TYR A 134 -14.98 -6.72 2.99
CA TYR A 134 -13.65 -6.14 2.82
C TYR A 134 -13.52 -5.57 1.41
N GLY A 135 -12.90 -4.38 1.31
CA GLY A 135 -12.53 -3.77 0.03
C GLY A 135 -11.09 -3.33 0.03
N ARG A 136 -10.40 -3.50 -1.09
CA ARG A 136 -9.05 -2.93 -1.26
C ARG A 136 -9.13 -1.40 -1.34
N THR A 137 -10.29 -0.90 -1.80
CA THR A 137 -10.66 0.51 -1.71
C THR A 137 -11.84 0.67 -0.75
N LYS A 138 -12.04 1.90 -0.27
CA LYS A 138 -13.01 2.22 0.77
C LYS A 138 -14.43 2.31 0.19
N GLU A 139 -14.54 2.58 -1.11
CA GLU A 139 -15.84 2.72 -1.74
C GLU A 139 -16.14 1.38 -2.41
N LEU A 140 -17.39 0.94 -2.38
CA LEU A 140 -17.69 -0.16 -3.29
C LEU A 140 -19.04 0.03 -3.96
N THR A 141 -19.12 -0.68 -5.09
CA THR A 141 -20.23 -0.70 -6.02
C THR A 141 -21.49 -1.16 -5.29
N SER A 142 -22.65 -0.68 -5.78
CA SER A 142 -23.96 -1.17 -5.39
C SER A 142 -24.05 -2.69 -5.54
N GLU A 143 -23.46 -3.22 -6.61
CA GLU A 143 -23.46 -4.65 -6.92
C GLU A 143 -22.96 -5.43 -5.69
N LEU A 144 -21.81 -5.00 -5.15
CA LEU A 144 -21.18 -5.73 -4.08
C LEU A 144 -21.96 -5.54 -2.78
N LYS A 145 -22.49 -4.34 -2.56
CA LYS A 145 -23.28 -4.03 -1.37
C LYS A 145 -24.52 -4.93 -1.35
N GLU A 146 -25.15 -5.14 -2.51
CA GLU A 146 -26.33 -6.00 -2.65
C GLU A 146 -25.96 -7.46 -2.33
N ASN A 147 -24.85 -7.98 -2.89
CA ASN A 147 -24.41 -9.36 -2.63
C ASN A 147 -24.25 -9.58 -1.12
N PHE A 148 -23.62 -8.60 -0.46
CA PHE A 148 -23.29 -8.69 0.94
C PHE A 148 -24.57 -8.72 1.76
N ILE A 149 -25.53 -7.83 1.43
CA ILE A 149 -26.80 -7.78 2.14
C ILE A 149 -27.51 -9.12 1.99
N ARG A 150 -27.54 -9.63 0.75
CA ARG A 150 -28.16 -10.90 0.39
C ARG A 150 -27.49 -12.04 1.18
N PHE A 151 -26.16 -12.03 1.26
CA PHE A 151 -25.43 -13.09 1.97
C PHE A 151 -25.80 -13.07 3.46
N SER A 152 -25.81 -11.86 4.04
CA SER A 152 -26.09 -11.65 5.46
C SER A 152 -27.48 -12.21 5.81
N LYS A 153 -28.49 -11.87 5.00
CA LYS A 153 -29.85 -12.34 5.17
C LYS A 153 -29.89 -13.87 5.09
N SER A 154 -29.11 -14.47 4.18
CA SER A 154 -29.07 -15.94 4.03
C SER A 154 -28.54 -16.60 5.31
N LEU A 155 -27.82 -15.85 6.16
CA LEU A 155 -27.31 -16.34 7.44
C LEU A 155 -28.21 -15.91 8.60
N GLY A 156 -29.37 -15.33 8.30
CA GLY A 156 -30.36 -14.95 9.31
C GLY A 156 -30.15 -13.56 9.88
N LEU A 157 -29.31 -12.73 9.25
CA LEU A 157 -29.08 -11.33 9.69
C LEU A 157 -29.92 -10.37 8.85
N PRO A 158 -30.96 -9.73 9.42
CA PRO A 158 -31.79 -8.80 8.68
C PRO A 158 -31.06 -7.46 8.50
N GLU A 159 -31.68 -6.54 7.76
CA GLU A 159 -31.02 -5.34 7.23
C GLU A 159 -30.61 -4.41 8.38
N ASN A 160 -31.36 -4.39 9.48
CA ASN A 160 -31.09 -3.53 10.63
C ASN A 160 -29.90 -4.07 11.44
N HIS A 161 -29.32 -5.20 11.04
CA HIS A 161 -28.10 -5.72 11.68
C HIS A 161 -26.88 -5.46 10.78
N ILE A 162 -27.09 -4.75 9.66
CA ILE A 162 -26.08 -4.59 8.62
C ILE A 162 -25.68 -3.12 8.61
N VAL A 163 -24.37 -2.86 8.63
CA VAL A 163 -23.83 -1.52 8.80
C VAL A 163 -22.78 -1.24 7.72
N PHE A 164 -22.82 -0.02 7.17
CA PHE A 164 -21.82 0.43 6.21
C PHE A 164 -21.03 1.59 6.80
N PRO A 165 -19.84 1.35 7.39
CA PRO A 165 -19.05 2.41 8.02
C PRO A 165 -18.65 3.54 7.06
N VAL A 166 -18.39 4.71 7.63
CA VAL A 166 -18.09 5.92 6.88
C VAL A 166 -16.60 5.94 6.57
N PRO A 167 -16.21 6.07 5.28
CA PRO A 167 -14.81 6.24 4.91
C PRO A 167 -14.20 7.47 5.59
N ILE A 168 -12.98 7.33 6.09
CA ILE A 168 -12.16 8.42 6.63
C ILE A 168 -10.76 8.29 6.05
N ASP A 169 -9.94 9.31 6.27
CA ASP A 169 -8.53 9.29 5.84
C ASP A 169 -7.61 9.02 7.05
N GLN A 170 -7.88 9.68 8.20
CA GLN A 170 -7.11 9.46 9.43
C GLN A 170 -6.94 7.96 9.72
N CYS A 171 -5.72 7.56 10.04
CA CYS A 171 -5.36 6.26 10.61
C CYS A 171 -5.34 5.20 9.51
N ILE A 172 -6.48 5.03 8.83
CA ILE A 172 -6.69 3.87 8.00
C ILE A 172 -5.96 4.02 6.64
N ASP A 173 -5.46 5.20 6.30
CA ASP A 173 -4.68 5.42 5.07
C ASP A 173 -3.24 4.91 5.22
N GLY A 174 -2.85 4.53 6.47
CA GLY A 174 -1.51 4.08 6.80
C GLY A 174 -1.19 2.74 6.12
N LEU B 3 32.48 9.85 22.03
CA LEU B 3 31.95 9.21 20.79
C LEU B 3 31.77 7.70 21.04
N ILE B 4 30.73 7.13 20.42
CA ILE B 4 30.59 5.66 20.41
C ILE B 4 31.08 5.16 19.05
N PRO B 5 32.19 4.38 19.02
CA PRO B 5 32.76 3.92 17.76
C PRO B 5 31.86 2.84 17.13
N ALA B 6 31.89 2.76 15.81
CA ALA B 6 31.19 1.70 15.07
C ALA B 6 31.69 0.33 15.52
N PRO B 7 30.80 -0.69 15.64
CA PRO B 7 31.25 -2.04 15.95
C PRO B 7 31.97 -2.59 14.72
N PRO B 8 32.73 -3.69 14.84
CA PRO B 8 33.28 -4.34 13.66
C PRO B 8 32.10 -4.98 12.89
N LEU B 9 32.16 -4.90 11.56
CA LEU B 9 31.08 -5.35 10.69
C LEU B 9 30.79 -6.84 10.90
N SER B 10 31.77 -7.59 11.42
CA SER B 10 31.61 -9.01 11.68
C SER B 10 30.70 -9.26 12.89
N LYS B 11 30.37 -8.21 13.65
CA LYS B 11 29.46 -8.31 14.80
C LYS B 11 28.05 -7.86 14.38
N VAL B 12 27.89 -7.42 13.12
CA VAL B 12 26.59 -7.04 12.57
C VAL B 12 26.05 -8.18 11.70
N PRO B 13 25.04 -8.94 12.18
CA PRO B 13 24.44 -10.01 11.39
C PRO B 13 23.90 -9.49 10.05
N LEU B 14 23.90 -10.39 9.06
CA LEU B 14 23.23 -10.23 7.77
C LEU B 14 22.04 -11.20 7.72
N GLN B 15 20.88 -10.72 7.29
CA GLN B 15 19.72 -11.57 6.99
C GLN B 15 20.14 -12.67 6.00
N GLN B 16 19.94 -13.91 6.39
CA GLN B 16 20.23 -15.04 5.55
C GLN B 16 19.24 -15.04 4.39
N ASN B 17 19.74 -15.31 3.18
CA ASN B 17 19.00 -15.46 1.94
C ASN B 17 18.08 -14.26 1.66
N PHE B 18 18.65 -13.06 1.73
CA PHE B 18 17.90 -11.85 1.59
C PHE B 18 17.13 -11.86 0.25
N GLN B 19 15.82 -11.62 0.33
CA GLN B 19 14.90 -11.55 -0.81
C GLN B 19 14.57 -10.09 -1.13
N ASP B 20 15.24 -9.52 -2.12
CA ASP B 20 15.13 -8.09 -2.42
C ASP B 20 13.71 -7.73 -2.93
N ASN B 21 13.05 -8.63 -3.68
CA ASN B 21 11.67 -8.40 -4.13
C ASN B 21 10.72 -8.30 -2.93
N GLN B 22 10.89 -9.16 -1.93
CA GLN B 22 9.99 -9.19 -0.78
C GLN B 22 10.26 -8.03 0.19
N PHE B 23 11.44 -7.40 0.12
CA PHE B 23 11.76 -6.30 1.01
C PHE B 23 11.20 -4.98 0.45
N HIS B 24 10.64 -5.00 -0.76
CA HIS B 24 10.25 -3.75 -1.44
C HIS B 24 9.07 -3.08 -0.73
N GLY B 25 8.80 -1.82 -1.10
CA GLY B 25 7.63 -1.07 -0.67
C GLY B 25 7.91 -0.23 0.56
N LYS B 26 6.82 0.11 1.28
CA LYS B 26 6.88 1.08 2.34
C LYS B 26 7.22 0.41 3.68
N TRP B 27 8.26 0.95 4.33
CA TRP B 27 8.59 0.68 5.70
C TRP B 27 8.49 1.97 6.51
N TYR B 28 7.77 1.92 7.63
CA TYR B 28 7.76 2.97 8.63
C TYR B 28 8.98 2.79 9.52
N VAL B 29 9.67 3.88 9.82
CA VAL B 29 10.77 3.86 10.74
C VAL B 29 10.20 4.04 12.14
N VAL B 30 9.90 2.90 12.75
CA VAL B 30 9.16 2.77 14.02
C VAL B 30 10.12 3.05 15.18
N GLY B 31 11.41 2.81 14.95
CA GLY B 31 12.46 3.05 15.96
C GLY B 31 13.79 3.28 15.28
N PHE B 32 14.68 3.99 15.98
CA PHE B 32 16.03 4.13 15.51
C PHE B 32 16.96 4.37 16.70
N ALA B 33 18.23 4.01 16.50
CA ALA B 33 19.28 4.22 17.45
C ALA B 33 20.53 4.64 16.67
N GLU B 34 21.25 5.63 17.19
CA GLU B 34 22.44 6.08 16.51
C GLU B 34 23.47 6.57 17.53
N ASN B 35 24.74 6.56 17.09
CA ASN B 35 25.88 6.80 17.97
C ASN B 35 26.02 8.29 18.26
N ILE B 36 25.41 9.14 17.42
CA ILE B 36 25.54 10.57 17.55
C ILE B 36 24.48 11.10 18.52
N GLN B 37 23.19 10.95 18.16
CA GLN B 37 22.05 11.67 18.75
C GLN B 37 22.16 13.16 18.36
N ASP B 43 11.06 18.59 21.13
CA ASP B 43 9.90 17.73 21.23
C ASP B 43 10.21 16.43 20.47
N PRO B 44 9.43 15.34 20.68
CA PRO B 44 9.76 14.04 20.12
C PRO B 44 9.63 14.10 18.60
N PRO B 45 10.41 13.32 17.84
CA PRO B 45 10.39 13.43 16.38
C PRO B 45 9.17 12.73 15.78
N LYS B 46 8.74 13.20 14.61
CA LYS B 46 7.68 12.58 13.85
C LYS B 46 8.26 11.41 13.06
N MET B 47 7.45 10.35 12.94
CA MET B 47 7.77 9.18 12.15
C MET B 47 7.94 9.59 10.67
N ILE B 48 8.89 8.94 9.98
CA ILE B 48 9.02 8.99 8.53
C ILE B 48 8.71 7.60 7.96
N ALA B 49 8.57 7.55 6.64
CA ALA B 49 8.49 6.31 5.87
C ALA B 49 9.67 6.25 4.90
N THR B 50 10.16 5.03 4.64
CA THR B 50 11.16 4.75 3.64
C THR B 50 10.59 3.72 2.68
N ILE B 51 10.55 4.08 1.40
CA ILE B 51 9.98 3.25 0.34
C ILE B 51 11.12 2.73 -0.53
N TYR B 52 11.18 1.40 -0.66
CA TYR B 52 12.21 0.68 -1.42
C TYR B 52 11.60 0.16 -2.72
N GLU B 53 12.05 0.67 -3.87
CA GLU B 53 11.59 0.21 -5.17
C GLU B 53 12.77 -0.48 -5.87
N LEU B 54 12.59 -1.74 -6.22
CA LEU B 54 13.66 -2.54 -6.86
C LEU B 54 13.75 -2.20 -8.35
N LYS B 55 14.91 -1.73 -8.80
CA LYS B 55 15.18 -1.47 -10.22
C LYS B 55 15.64 -2.75 -10.92
N GLU B 56 15.72 -2.70 -12.25
CA GLU B 56 16.01 -3.88 -13.07
C GLU B 56 17.44 -4.39 -12.82
N ASP B 57 18.36 -3.49 -12.44
CA ASP B 57 19.76 -3.84 -12.17
C ASP B 57 19.94 -4.30 -10.72
N LYS B 58 18.84 -4.50 -9.97
CA LYS B 58 18.86 -5.04 -8.58
C LYS B 58 19.29 -3.98 -7.53
N SER B 59 19.44 -2.73 -7.93
CA SER B 59 19.63 -1.66 -6.97
C SER B 59 18.25 -1.15 -6.55
N TYR B 60 18.20 -0.46 -5.40
CA TYR B 60 16.95 0.11 -4.90
C TYR B 60 16.94 1.62 -5.15
N ASN B 61 15.81 2.13 -5.64
CA ASN B 61 15.45 3.51 -5.49
C ASN B 61 14.83 3.65 -4.10
N VAL B 62 15.44 4.48 -3.24
CA VAL B 62 15.02 4.62 -1.85
C VAL B 62 14.50 6.05 -1.61
N THR B 63 13.23 6.14 -1.21
CA THR B 63 12.54 7.41 -1.02
C THR B 63 12.16 7.58 0.46
N ASN B 64 12.72 8.63 1.10
CA ASN B 64 12.41 9.01 2.46
C ASN B 64 11.28 10.05 2.42
N VAL B 65 10.13 9.70 2.99
CA VAL B 65 8.95 10.59 3.02
C VAL B 65 8.78 11.15 4.44
N ALA B 66 8.74 12.48 4.53
CA ALA B 66 8.77 13.14 5.84
C ALA B 66 7.91 14.41 5.80
N SER B 67 7.53 14.82 7.01
CA SER B 67 6.68 15.95 7.26
C SER B 67 7.53 17.07 7.86
N ASN B 68 7.40 18.29 7.35
CA ASN B 68 7.93 19.46 8.05
C ASN B 68 6.78 20.44 8.14
N TRP B 69 6.98 21.57 8.83
CA TRP B 69 5.90 22.52 9.07
C TRP B 69 5.30 23.00 7.74
N GLU B 70 6.10 23.05 6.68
CA GLU B 70 5.65 23.59 5.40
C GLU B 70 4.97 22.51 4.54
N LYS B 71 5.53 21.31 4.46
CA LYS B 71 5.13 20.38 3.43
C LYS B 71 5.76 19.00 3.66
N CYS B 72 5.35 18.05 2.84
CA CYS B 72 5.94 16.74 2.76
C CYS B 72 7.16 16.78 1.84
N THR B 73 8.25 16.16 2.28
CA THR B 73 9.48 16.05 1.50
C THR B 73 9.67 14.60 1.04
N TYR B 74 10.25 14.47 -0.16
CA TYR B 74 10.62 13.24 -0.77
C TYR B 74 12.12 13.29 -1.07
N ARG B 75 12.93 12.62 -0.25
CA ARG B 75 14.38 12.59 -0.49
C ARG B 75 14.73 11.20 -1.03
N ILE B 76 15.34 11.20 -2.22
CA ILE B 76 15.54 10.02 -3.01
C ILE B 76 17.05 9.74 -3.14
N LYS B 77 17.43 8.47 -2.99
CA LYS B 77 18.83 8.01 -3.18
C LYS B 77 18.78 6.58 -3.73
N THR B 78 19.95 6.06 -4.12
CA THR B 78 20.10 4.72 -4.68
C THR B 78 20.94 3.86 -3.75
N PHE B 79 20.44 2.64 -3.47
CA PHE B 79 21.20 1.61 -2.77
C PHE B 79 21.65 0.59 -3.82
N VAL B 80 22.96 0.58 -4.07
CA VAL B 80 23.59 -0.31 -5.04
C VAL B 80 24.05 -1.57 -4.32
N PRO B 81 23.83 -2.78 -4.87
CA PRO B 81 24.24 -4.02 -4.21
C PRO B 81 25.73 -4.06 -3.85
N GLY B 82 26.04 -4.50 -2.62
CA GLY B 82 27.40 -4.80 -2.18
C GLY B 82 27.75 -6.25 -2.45
N SER B 83 28.66 -6.82 -1.66
CA SER B 83 29.27 -8.15 -1.98
C SER B 83 28.28 -9.29 -1.74
N GLN B 84 27.33 -9.12 -0.81
CA GLN B 84 26.38 -10.19 -0.43
C GLN B 84 24.95 -9.65 -0.48
N PRO B 85 23.95 -10.48 -0.86
CA PRO B 85 22.55 -10.06 -0.79
C PRO B 85 22.21 -9.51 0.59
N GLY B 86 21.65 -8.30 0.61
CA GLY B 86 21.26 -7.63 1.84
C GLY B 86 22.23 -6.52 2.22
N GLU B 87 23.35 -6.41 1.51
CA GLU B 87 24.30 -5.32 1.69
C GLU B 87 24.18 -4.33 0.52
N PHE B 88 24.29 -3.04 0.85
CA PHE B 88 24.24 -2.01 -0.17
C PHE B 88 25.22 -0.90 0.20
N THR B 89 25.60 -0.13 -0.82
CA THR B 89 26.26 1.14 -0.67
C THR B 89 25.42 2.19 -1.40
N LEU B 90 25.73 3.45 -1.12
CA LEU B 90 25.03 4.59 -1.68
C LEU B 90 25.58 4.88 -3.07
N GLY B 91 24.69 4.92 -4.08
CA GLY B 91 25.06 5.30 -5.44
C GLY B 91 25.66 6.70 -5.52
N GLU B 92 24.97 7.68 -4.93
CA GLU B 92 25.24 9.11 -5.12
C GLU B 92 26.29 9.61 -4.12
N ILE B 93 27.34 8.82 -3.84
CA ILE B 93 28.23 9.09 -2.70
C ILE B 93 29.02 10.39 -2.93
N LYS B 94 29.39 10.65 -4.18
CA LYS B 94 30.14 11.87 -4.57
C LYS B 94 29.32 13.12 -4.26
N SER B 95 27.99 13.00 -4.18
CA SER B 95 27.10 14.13 -3.91
C SER B 95 27.08 14.48 -2.41
N ARG B 96 27.79 13.70 -1.58
CA ARG B 96 27.89 13.99 -0.15
C ARG B 96 29.29 14.51 0.13
N PRO B 97 29.47 15.83 0.35
CA PRO B 97 30.81 16.40 0.54
C PRO B 97 31.55 15.71 1.69
N GLY B 98 32.79 15.27 1.42
CA GLY B 98 33.66 14.68 2.41
C GLY B 98 33.27 13.24 2.77
N MET B 99 32.24 12.66 2.14
CA MET B 99 31.81 11.29 2.44
C MET B 99 32.63 10.32 1.58
N THR B 100 33.31 9.36 2.25
CA THR B 100 34.12 8.34 1.60
C THR B 100 33.46 6.97 1.73
N SER B 101 32.34 6.84 2.45
CA SER B 101 31.77 5.52 2.73
C SER B 101 30.34 5.63 3.25
N TYR B 102 29.45 4.76 2.72
CA TYR B 102 28.03 4.71 3.13
C TYR B 102 27.58 3.27 2.88
N LEU B 103 27.34 2.54 3.97
CA LEU B 103 27.15 1.11 3.94
C LEU B 103 25.80 0.78 4.61
N VAL B 104 25.05 -0.14 3.99
CA VAL B 104 23.77 -0.56 4.50
C VAL B 104 23.78 -2.10 4.59
N ARG B 105 23.29 -2.62 5.71
CA ARG B 105 23.24 -4.05 5.93
C ARG B 105 21.90 -4.40 6.59
N VAL B 106 21.05 -5.15 5.86
CA VAL B 106 19.80 -5.67 6.42
C VAL B 106 20.17 -6.78 7.39
N VAL B 107 19.98 -6.50 8.68
CA VAL B 107 20.39 -7.33 9.76
C VAL B 107 19.42 -8.50 9.90
N SER B 108 18.11 -8.22 9.86
CA SER B 108 17.07 -9.26 9.90
C SER B 108 15.73 -8.69 9.46
N THR B 109 14.84 -9.58 9.01
CA THR B 109 13.52 -9.20 8.54
C THR B 109 12.68 -10.45 8.25
N ASN B 110 11.35 -10.34 8.43
CA ASN B 110 10.41 -11.34 7.93
C ASN B 110 9.63 -10.76 6.75
N TYR B 111 10.05 -9.58 6.24
CA TYR B 111 9.55 -9.00 4.97
C TYR B 111 8.13 -8.41 5.10
N ASN B 112 7.21 -9.09 5.78
CA ASN B 112 5.78 -8.71 5.78
C ASN B 112 5.41 -7.92 7.03
N GLN B 113 6.33 -7.76 7.99
CA GLN B 113 6.00 -7.18 9.31
C GLN B 113 7.11 -6.21 9.77
N HIS B 114 8.34 -6.70 9.90
CA HIS B 114 9.40 -5.91 10.54
C HIS B 114 10.76 -6.17 9.89
N ALA B 115 11.68 -5.22 10.09
CA ALA B 115 13.06 -5.36 9.71
C ALA B 115 13.93 -4.51 10.65
N MET B 116 15.22 -4.88 10.76
CA MET B 116 16.24 -4.05 11.33
C MET B 116 17.37 -3.88 10.32
N VAL B 117 17.75 -2.61 10.07
CA VAL B 117 18.76 -2.26 9.09
C VAL B 117 19.87 -1.48 9.80
N PHE B 118 21.12 -1.88 9.52
CA PHE B 118 22.29 -1.22 10.03
C PHE B 118 22.85 -0.31 8.93
N PHE B 119 23.24 0.91 9.32
CA PHE B 119 23.80 1.90 8.43
C PHE B 119 25.13 2.38 9.02
N LYS B 120 26.11 2.61 8.14
CA LYS B 120 27.34 3.20 8.58
C LYS B 120 27.91 4.10 7.49
N THR B 121 28.47 5.21 7.96
CA THR B 121 28.87 6.34 7.17
C THR B 121 30.23 6.80 7.69
N VAL B 122 31.11 7.23 6.78
CA VAL B 122 32.33 7.89 7.12
C VAL B 122 32.41 9.18 6.30
N VAL B 123 32.46 10.31 7.03
CA VAL B 123 32.45 11.65 6.49
C VAL B 123 33.53 12.43 7.23
N GLN B 124 34.51 13.00 6.51
CA GLN B 124 35.68 13.65 7.13
C GLN B 124 36.29 12.69 8.16
N ASN B 125 36.34 11.40 7.84
CA ASN B 125 36.97 10.35 8.62
C ASN B 125 36.27 10.13 9.97
N ARG B 126 35.06 10.67 10.13
CA ARG B 126 34.24 10.47 11.31
C ARG B 126 33.20 9.39 10.98
N GLU B 127 33.17 8.31 11.77
CA GLU B 127 32.23 7.19 11.66
C GLU B 127 30.89 7.54 12.32
N LYS B 128 29.80 7.45 11.56
CA LYS B 128 28.49 7.50 12.13
C LYS B 128 27.76 6.19 11.80
N PHE B 129 27.04 5.66 12.77
CA PHE B 129 26.26 4.47 12.49
C PHE B 129 24.92 4.56 13.22
N TRP B 130 23.93 3.87 12.65
CA TRP B 130 22.61 3.84 13.19
C TRP B 130 21.90 2.56 12.73
N ILE B 131 20.86 2.23 13.49
CA ILE B 131 20.04 1.08 13.27
C ILE B 131 18.60 1.58 13.20
N THR B 132 17.85 1.11 12.21
CA THR B 132 16.45 1.42 12.11
C THR B 132 15.64 0.15 12.40
N LEU B 133 14.55 0.33 13.13
CA LEU B 133 13.51 -0.65 13.23
C LEU B 133 12.40 -0.24 12.24
N TYR B 134 12.20 -1.09 11.23
CA TYR B 134 11.22 -0.91 10.19
C TYR B 134 9.97 -1.72 10.52
N GLY B 135 8.80 -1.11 10.32
CA GLY B 135 7.51 -1.81 10.40
C GLY B 135 6.68 -1.56 9.14
N ARG B 136 5.96 -2.58 8.69
CA ARG B 136 4.98 -2.40 7.61
C ARG B 136 3.81 -1.55 8.13
N THR B 137 3.57 -1.63 9.44
CA THR B 137 2.68 -0.77 10.17
C THR B 137 3.50 0.13 11.11
N LYS B 138 2.84 1.21 11.59
CA LYS B 138 3.51 2.27 12.34
C LYS B 138 3.72 1.85 13.81
N GLU B 139 2.99 0.83 14.26
CA GLU B 139 3.19 0.29 15.59
C GLU B 139 3.42 -1.22 15.49
N LEU B 140 4.42 -1.71 16.23
CA LEU B 140 4.73 -3.11 16.32
C LEU B 140 4.46 -3.59 17.75
N THR B 141 4.54 -4.91 17.93
CA THR B 141 4.48 -5.57 19.23
C THR B 141 5.63 -5.08 20.13
N SER B 142 5.39 -5.10 21.45
CA SER B 142 6.41 -4.92 22.49
C SER B 142 7.59 -5.86 22.25
N GLU B 143 7.30 -7.10 21.87
CA GLU B 143 8.31 -8.13 21.64
C GLU B 143 9.36 -7.60 20.64
N LEU B 144 8.91 -7.02 19.54
CA LEU B 144 9.80 -6.54 18.50
C LEU B 144 10.58 -5.30 18.97
N LYS B 145 9.92 -4.41 19.72
CA LYS B 145 10.56 -3.22 20.28
C LYS B 145 11.70 -3.65 21.23
N GLU B 146 11.45 -4.68 22.04
CA GLU B 146 12.46 -5.23 22.98
C GLU B 146 13.66 -5.81 22.21
N ASN B 147 13.41 -6.60 21.15
CA ASN B 147 14.51 -7.18 20.34
C ASN B 147 15.42 -6.06 19.82
N PHE B 148 14.80 -5.00 19.32
CA PHE B 148 15.49 -3.88 18.74
C PHE B 148 16.37 -3.19 19.80
N ILE B 149 15.81 -2.95 20.99
CA ILE B 149 16.55 -2.31 22.07
C ILE B 149 17.76 -3.18 22.43
N ARG B 150 17.51 -4.49 22.57
CA ARG B 150 18.53 -5.50 22.89
C ARG B 150 19.64 -5.47 21.81
N PHE B 151 19.24 -5.43 20.53
CA PHE B 151 20.20 -5.45 19.46
C PHE B 151 21.10 -4.21 19.51
N SER B 152 20.48 -3.04 19.72
CA SER B 152 21.15 -1.75 19.77
C SER B 152 22.23 -1.74 20.86
N LYS B 153 21.85 -2.21 22.06
CA LYS B 153 22.75 -2.31 23.20
C LYS B 153 23.93 -3.24 22.85
N SER B 154 23.65 -4.33 22.13
CA SER B 154 24.71 -5.28 21.76
C SER B 154 25.74 -4.62 20.83
N LEU B 155 25.36 -3.51 20.17
CA LEU B 155 26.27 -2.77 19.30
C LEU B 155 26.85 -1.54 20.02
N GLY B 156 26.64 -1.45 21.34
CA GLY B 156 27.23 -0.40 22.16
C GLY B 156 26.41 0.88 22.18
N LEU B 157 25.12 0.81 21.80
CA LEU B 157 24.22 1.95 21.88
C LEU B 157 23.34 1.82 23.12
N PRO B 158 23.53 2.71 24.13
CA PRO B 158 22.70 2.66 25.33
C PRO B 158 21.30 3.23 25.05
N GLU B 159 20.39 3.09 26.05
CA GLU B 159 18.96 3.25 25.77
C GLU B 159 18.64 4.72 25.48
N ASN B 160 19.44 5.68 25.98
CA ASN B 160 19.20 7.11 25.70
C ASN B 160 19.62 7.48 24.28
N HIS B 161 20.15 6.52 23.51
CA HIS B 161 20.46 6.74 22.10
C HIS B 161 19.38 6.09 21.20
N ILE B 162 18.34 5.52 21.82
CA ILE B 162 17.29 4.78 21.12
C ILE B 162 16.01 5.62 21.17
N VAL B 163 15.37 5.79 20.02
CA VAL B 163 14.26 6.70 19.85
C VAL B 163 13.11 5.97 19.15
N PHE B 164 11.89 6.20 19.64
CA PHE B 164 10.67 5.72 19.03
C PHE B 164 9.87 6.92 18.54
N PRO B 165 9.94 7.27 17.24
CA PRO B 165 9.22 8.44 16.70
C PRO B 165 7.69 8.30 16.84
N VAL B 166 7.01 9.45 16.79
CA VAL B 166 5.56 9.50 16.97
C VAL B 166 4.89 9.25 15.62
N PRO B 167 3.97 8.26 15.54
CA PRO B 167 3.16 8.05 14.34
C PRO B 167 2.37 9.31 13.96
N ILE B 168 2.35 9.62 12.65
CA ILE B 168 1.53 10.67 12.09
C ILE B 168 0.83 10.10 10.85
N ASP B 169 -0.11 10.86 10.30
CA ASP B 169 -0.78 10.49 9.05
C ASP B 169 -0.25 11.32 7.87
N GLN B 170 0.00 12.63 8.09
CA GLN B 170 0.52 13.52 7.06
C GLN B 170 1.76 12.92 6.41
N CYS B 171 1.79 12.97 5.08
CA CYS B 171 2.96 12.67 4.25
C CYS B 171 3.18 11.16 4.16
N ILE B 172 3.36 10.51 5.31
CA ILE B 172 3.87 9.15 5.35
C ILE B 172 2.79 8.12 4.98
N ASP B 173 1.52 8.52 4.87
CA ASP B 173 0.42 7.62 4.46
C ASP B 173 0.42 7.40 2.93
N GLY B 174 1.30 8.12 2.21
CA GLY B 174 1.44 8.03 0.76
C GLY B 174 1.87 6.64 0.26
N ILE C 4 -3.63 20.87 -31.19
CA ILE C 4 -2.42 20.13 -31.62
C ILE C 4 -2.85 18.74 -32.07
N PRO C 5 -2.59 18.32 -33.33
CA PRO C 5 -3.05 17.03 -33.84
C PRO C 5 -2.32 15.87 -33.15
N ALA C 6 -3.02 14.74 -33.01
CA ALA C 6 -2.44 13.50 -32.50
C ALA C 6 -1.31 13.06 -33.41
N PRO C 7 -0.19 12.52 -32.86
CA PRO C 7 0.85 11.94 -33.70
C PRO C 7 0.31 10.65 -34.29
N PRO C 8 0.96 10.06 -35.32
CA PRO C 8 0.58 8.74 -35.79
C PRO C 8 0.97 7.72 -34.70
N LEU C 9 0.13 6.71 -34.50
CA LEU C 9 0.30 5.73 -33.42
C LEU C 9 1.66 5.01 -33.55
N SER C 10 2.21 4.97 -34.75
CA SER C 10 3.50 4.34 -35.02
C SER C 10 4.66 5.17 -34.45
N LYS C 11 4.39 6.39 -33.99
CA LYS C 11 5.40 7.25 -33.34
C LYS C 11 5.28 7.15 -31.82
N VAL C 12 4.29 6.39 -31.34
CA VAL C 12 4.08 6.16 -29.90
C VAL C 12 4.60 4.79 -29.53
N PRO C 13 5.78 4.69 -28.87
CA PRO C 13 6.31 3.41 -28.43
C PRO C 13 5.32 2.64 -27.55
N LEU C 14 5.42 1.32 -27.59
CA LEU C 14 4.78 0.37 -26.71
C LEU C 14 5.87 -0.28 -25.84
N GLN C 15 5.62 -0.37 -24.53
CA GLN C 15 6.47 -1.13 -23.62
C GLN C 15 6.64 -2.57 -24.14
N GLN C 16 7.88 -2.97 -24.35
CA GLN C 16 8.15 -4.33 -24.79
C GLN C 16 7.83 -5.28 -23.64
N ASN C 17 7.23 -6.43 -23.98
CA ASN C 17 6.96 -7.55 -23.08
C ASN C 17 6.08 -7.11 -21.88
N PHE C 18 5.01 -6.36 -22.16
CA PHE C 18 4.23 -5.75 -21.08
C PHE C 18 3.72 -6.83 -20.13
N GLN C 19 3.98 -6.64 -18.84
CA GLN C 19 3.57 -7.54 -17.74
C GLN C 19 2.37 -6.93 -17.00
N ASP C 20 1.17 -7.39 -17.32
CA ASP C 20 -0.06 -6.79 -16.80
C ASP C 20 -0.17 -7.02 -15.27
N ASN C 21 0.29 -8.16 -14.76
CA ASN C 21 0.30 -8.42 -13.29
C ASN C 21 1.20 -7.40 -12.57
N GLN C 22 2.36 -7.07 -13.14
CA GLN C 22 3.31 -6.19 -12.48
C GLN C 22 2.89 -4.72 -12.59
N PHE C 23 2.00 -4.38 -13.54
CA PHE C 23 1.56 -3.00 -13.69
C PHE C 23 0.41 -2.67 -12.70
N HIS C 24 -0.07 -3.67 -11.96
CA HIS C 24 -1.26 -3.50 -11.11
C HIS C 24 -0.98 -2.56 -9.93
N GLY C 25 -2.06 -2.13 -9.26
CA GLY C 25 -1.99 -1.37 -8.03
C GLY C 25 -2.07 0.14 -8.27
N LYS C 26 -1.61 0.90 -7.26
CA LYS C 26 -1.75 2.34 -7.23
C LYS C 26 -0.59 3.02 -7.95
N TRP C 27 -0.93 3.89 -8.89
CA TRP C 27 -0.04 4.85 -9.52
C TRP C 27 -0.54 6.28 -9.22
N TYR C 28 0.36 7.14 -8.76
CA TYR C 28 0.12 8.56 -8.65
C TYR C 28 0.37 9.20 -10.03
N VAL C 29 -0.54 10.09 -10.44
CA VAL C 29 -0.37 10.82 -11.67
C VAL C 29 0.48 12.06 -11.37
N VAL C 30 1.80 11.88 -11.50
CA VAL C 30 2.82 12.83 -11.07
C VAL C 30 2.92 13.98 -12.09
N GLY C 31 2.58 13.67 -13.35
CA GLY C 31 2.63 14.62 -14.43
C GLY C 31 1.69 14.24 -15.55
N PHE C 32 1.26 15.23 -16.34
CA PHE C 32 0.44 14.96 -17.48
C PHE C 32 0.60 16.08 -18.51
N ALA C 33 0.37 15.71 -19.77
CA ALA C 33 0.44 16.62 -20.88
C ALA C 33 -0.70 16.28 -21.84
N GLU C 34 -1.38 17.30 -22.37
CA GLU C 34 -2.48 17.05 -23.28
C GLU C 34 -2.57 18.16 -24.32
N ASN C 35 -3.22 17.82 -25.44
CA ASN C 35 -3.24 18.66 -26.63
C ASN C 35 -4.26 19.78 -26.47
N ILE C 36 -5.20 19.63 -25.54
CA ILE C 36 -6.22 20.68 -25.31
C ILE C 36 -5.67 21.75 -24.36
N GLN C 37 -5.41 21.35 -23.10
CA GLN C 37 -5.31 22.25 -21.92
C GLN C 37 -6.68 22.91 -21.65
N ASP C 43 -6.18 27.90 -10.12
CA ASP C 43 -5.15 27.45 -9.22
C ASP C 43 -4.62 26.12 -9.73
N PRO C 44 -3.44 25.65 -9.24
CA PRO C 44 -2.82 24.43 -9.78
C PRO C 44 -3.67 23.23 -9.40
N PRO C 45 -3.68 22.15 -10.22
CA PRO C 45 -4.50 20.99 -9.91
C PRO C 45 -3.90 20.12 -8.80
N LYS C 46 -4.79 19.44 -8.05
CA LYS C 46 -4.36 18.45 -7.07
C LYS C 46 -4.06 17.13 -7.77
N MET C 47 -3.04 16.43 -7.27
CA MET C 47 -2.69 15.11 -7.71
C MET C 47 -3.86 14.14 -7.48
N ILE C 48 -4.04 13.19 -8.42
CA ILE C 48 -4.94 12.04 -8.23
C ILE C 48 -4.09 10.77 -8.18
N ALA C 49 -4.74 9.67 -7.81
CA ALA C 49 -4.21 8.32 -7.97
C ALA C 49 -5.10 7.54 -8.94
N THR C 50 -4.46 6.62 -9.69
CA THR C 50 -5.14 5.66 -10.53
C THR C 50 -4.71 4.26 -10.09
N ILE C 51 -5.69 3.43 -9.74
CA ILE C 51 -5.48 2.08 -9.26
C ILE C 51 -5.93 1.10 -10.36
N TYR C 52 -5.00 0.21 -10.74
CA TYR C 52 -5.21 -0.80 -11.78
C TYR C 52 -5.37 -2.16 -11.12
N GLU C 53 -6.56 -2.75 -11.24
CA GLU C 53 -6.83 -4.08 -10.72
C GLU C 53 -7.03 -5.01 -11.92
N LEU C 54 -6.18 -6.04 -12.04
CA LEU C 54 -6.26 -6.99 -13.15
C LEU C 54 -7.37 -8.01 -12.85
N LYS C 55 -8.38 -8.07 -13.72
CA LYS C 55 -9.48 -9.03 -13.57
C LYS C 55 -9.08 -10.39 -14.17
N GLU C 56 -9.90 -11.41 -13.93
CA GLU C 56 -9.58 -12.76 -14.40
C GLU C 56 -9.63 -12.82 -15.93
N ASP C 57 -10.43 -11.96 -16.57
CA ASP C 57 -10.53 -11.92 -18.03
C ASP C 57 -9.40 -11.08 -18.67
N LYS C 58 -8.45 -10.62 -17.86
CA LYS C 58 -7.20 -9.91 -18.30
C LYS C 58 -7.47 -8.44 -18.67
N SER C 59 -8.69 -7.95 -18.46
CA SER C 59 -8.94 -6.53 -18.54
C SER C 59 -8.65 -5.90 -17.16
N TYR C 60 -8.50 -4.57 -17.13
CA TYR C 60 -8.27 -3.84 -15.90
C TYR C 60 -9.56 -3.15 -15.47
N ASN C 61 -9.86 -3.27 -14.16
CA ASN C 61 -10.72 -2.33 -13.50
C ASN C 61 -9.84 -1.15 -13.09
N VAL C 62 -10.18 0.06 -13.60
CA VAL C 62 -9.36 1.25 -13.37
C VAL C 62 -10.15 2.26 -12.54
N THR C 63 -9.62 2.60 -11.35
CA THR C 63 -10.27 3.50 -10.42
C THR C 63 -9.43 4.78 -10.24
N ASN C 64 -10.03 5.92 -10.63
CA ASN C 64 -9.45 7.24 -10.42
C ASN C 64 -9.93 7.79 -9.07
N VAL C 65 -8.99 8.01 -8.15
CA VAL C 65 -9.30 8.52 -6.80
C VAL C 65 -8.84 9.97 -6.70
N ALA C 66 -9.76 10.85 -6.31
CA ALA C 66 -9.49 12.25 -6.19
C ALA C 66 -10.22 12.86 -4.99
N SER C 67 -9.73 14.03 -4.60
CA SER C 67 -10.25 14.83 -3.56
C SER C 67 -10.98 16.03 -4.18
N ASN C 68 -12.19 16.30 -3.73
CA ASN C 68 -12.83 17.58 -4.05
C ASN C 68 -13.23 18.21 -2.72
N TRP C 69 -13.77 19.43 -2.77
CA TRP C 69 -14.10 20.17 -1.56
C TRP C 69 -15.04 19.36 -0.66
N GLU C 70 -15.90 18.51 -1.24
CA GLU C 70 -16.91 17.79 -0.47
C GLU C 70 -16.33 16.47 0.08
N LYS C 71 -15.60 15.70 -0.74
CA LYS C 71 -15.37 14.30 -0.42
C LYS C 71 -14.37 13.70 -1.42
N CYS C 72 -14.05 12.42 -1.21
CA CYS C 72 -13.30 11.64 -2.19
C CYS C 72 -14.23 11.12 -3.29
N THR C 73 -13.76 11.17 -4.53
CA THR C 73 -14.48 10.61 -5.66
C THR C 73 -13.74 9.36 -6.17
N TYR C 74 -14.54 8.40 -6.65
CA TYR C 74 -14.04 7.16 -7.22
C TYR C 74 -14.67 7.00 -8.59
N ARG C 75 -13.92 7.28 -9.66
CA ARG C 75 -14.41 7.13 -11.01
C ARG C 75 -13.83 5.86 -11.61
N ILE C 76 -14.72 4.94 -12.02
CA ILE C 76 -14.33 3.58 -12.37
C ILE C 76 -14.59 3.34 -13.87
N LYS C 77 -13.64 2.71 -14.55
CA LYS C 77 -13.81 2.30 -15.95
C LYS C 77 -13.02 1.01 -16.19
N THR C 78 -13.24 0.41 -17.37
CA THR C 78 -12.62 -0.86 -17.75
C THR C 78 -11.68 -0.64 -18.96
N PHE C 79 -10.45 -1.14 -18.82
CA PHE C 79 -9.49 -1.18 -19.92
C PHE C 79 -9.43 -2.62 -20.44
N VAL C 80 -9.95 -2.81 -21.66
CA VAL C 80 -10.04 -4.09 -22.32
C VAL C 80 -8.82 -4.27 -23.21
N PRO C 81 -8.13 -5.43 -23.18
CA PRO C 81 -6.91 -5.60 -23.97
C PRO C 81 -7.13 -5.39 -25.48
N GLY C 82 -6.20 -4.67 -26.11
CA GLY C 82 -6.14 -4.52 -27.56
C GLY C 82 -5.28 -5.60 -28.19
N SER C 83 -4.72 -5.29 -29.37
CA SER C 83 -4.09 -6.28 -30.24
C SER C 83 -2.74 -6.74 -29.68
N GLN C 84 -2.06 -5.88 -28.92
CA GLN C 84 -0.73 -6.19 -28.36
C GLN C 84 -0.74 -5.93 -26.86
N PRO C 85 0.00 -6.73 -26.07
CA PRO C 85 0.15 -6.47 -24.63
C PRO C 85 0.58 -5.01 -24.40
N GLY C 86 -0.18 -4.31 -23.55
CA GLY C 86 0.09 -2.94 -23.20
C GLY C 86 -0.82 -1.96 -23.91
N GLU C 87 -1.66 -2.45 -24.82
CA GLU C 87 -2.68 -1.63 -25.49
C GLU C 87 -4.06 -1.97 -24.92
N PHE C 88 -4.90 -0.96 -24.75
CA PHE C 88 -6.25 -1.18 -24.27
C PHE C 88 -7.20 -0.23 -24.99
N THR C 89 -8.49 -0.61 -24.98
CA THR C 89 -9.59 0.28 -25.30
C THR C 89 -10.53 0.32 -24.09
N LEU C 90 -11.43 1.30 -24.10
CA LEU C 90 -12.40 1.55 -23.03
C LEU C 90 -13.59 0.61 -23.20
N GLY C 91 -13.90 -0.18 -22.16
CA GLY C 91 -15.08 -1.04 -22.15
C GLY C 91 -16.37 -0.26 -22.31
N GLU C 92 -16.54 0.81 -21.51
CA GLU C 92 -17.82 1.52 -21.36
C GLU C 92 -17.96 2.64 -22.40
N ILE C 93 -17.51 2.40 -23.64
CA ILE C 93 -17.39 3.48 -24.64
C ILE C 93 -18.78 4.01 -25.02
N LYS C 94 -19.79 3.13 -25.02
CA LYS C 94 -21.18 3.49 -25.32
C LYS C 94 -21.71 4.53 -24.31
N SER C 95 -21.12 4.58 -23.12
CA SER C 95 -21.54 5.51 -22.06
C SER C 95 -20.96 6.91 -22.28
N ARG C 96 -20.12 7.09 -23.32
CA ARG C 96 -19.53 8.39 -23.63
C ARG C 96 -20.18 8.94 -24.88
N PRO C 97 -21.12 9.91 -24.78
CA PRO C 97 -21.90 10.36 -25.94
C PRO C 97 -20.97 10.87 -27.06
N GLY C 98 -21.18 10.37 -28.27
CA GLY C 98 -20.46 10.80 -29.45
C GLY C 98 -19.05 10.25 -29.53
N MET C 99 -18.62 9.42 -28.57
CA MET C 99 -17.24 8.88 -28.56
C MET C 99 -17.20 7.61 -29.41
N THR C 100 -16.31 7.61 -30.42
CA THR C 100 -16.13 6.49 -31.32
C THR C 100 -14.80 5.77 -31.05
N SER C 101 -13.96 6.28 -30.14
CA SER C 101 -12.62 5.73 -29.97
C SER C 101 -11.98 6.20 -28.67
N TYR C 102 -11.41 5.27 -27.92
CA TYR C 102 -10.68 5.52 -26.68
C TYR C 102 -9.60 4.44 -26.57
N LEU C 103 -8.34 4.88 -26.73
CA LEU C 103 -7.22 4.01 -26.90
C LEU C 103 -6.19 4.34 -25.80
N VAL C 104 -5.61 3.28 -25.22
CA VAL C 104 -4.58 3.42 -24.21
C VAL C 104 -3.36 2.59 -24.66
N ARG C 105 -2.17 3.18 -24.50
CA ARG C 105 -0.94 2.51 -24.82
C ARG C 105 0.10 2.83 -23.74
N VAL C 106 0.50 1.79 -22.98
CA VAL C 106 1.60 1.90 -22.02
C VAL C 106 2.91 2.04 -22.82
N VAL C 107 3.47 3.24 -22.79
CA VAL C 107 4.60 3.63 -23.61
C VAL C 107 5.87 3.02 -23.02
N SER C 108 6.05 3.17 -21.70
CA SER C 108 7.18 2.54 -21.00
C SER C 108 6.89 2.48 -19.49
N THR C 109 7.59 1.55 -18.81
CA THR C 109 7.45 1.39 -17.37
C THR C 109 8.52 0.40 -16.88
N ASN C 110 8.96 0.60 -15.64
CA ASN C 110 9.77 -0.39 -14.92
C ASN C 110 8.92 -1.04 -13.82
N TYR C 111 7.60 -0.75 -13.79
CA TYR C 111 6.61 -1.43 -12.92
C TYR C 111 6.71 -0.99 -11.45
N ASN C 112 7.93 -0.83 -10.91
CA ASN C 112 8.14 -0.59 -9.48
C ASN C 112 8.26 0.89 -9.13
N GLN C 113 8.38 1.77 -10.13
CA GLN C 113 8.80 3.17 -9.90
C GLN C 113 7.97 4.12 -10.77
N HIS C 114 8.01 3.95 -12.09
CA HIS C 114 7.43 4.91 -13.00
C HIS C 114 6.82 4.25 -14.22
N ALA C 115 5.92 4.98 -14.88
CA ALA C 115 5.36 4.60 -16.15
C ALA C 115 4.95 5.87 -16.91
N MET C 116 4.88 5.75 -18.23
CA MET C 116 4.28 6.75 -19.09
C MET C 116 3.21 6.05 -19.93
N VAL C 117 1.99 6.59 -19.90
CA VAL C 117 0.86 6.04 -20.61
C VAL C 117 0.32 7.10 -21.59
N PHE C 118 0.09 6.67 -22.83
CA PHE C 118 -0.48 7.48 -23.87
C PHE C 118 -1.96 7.15 -23.98
N PHE C 119 -2.79 8.20 -24.10
CA PHE C 119 -4.23 8.05 -24.25
C PHE C 119 -4.68 8.82 -25.49
N LYS C 120 -5.66 8.28 -26.20
CA LYS C 120 -6.22 8.99 -27.34
C LYS C 120 -7.70 8.65 -27.48
N THR C 121 -8.45 9.68 -27.87
CA THR C 121 -9.89 9.74 -27.80
C THR C 121 -10.35 10.44 -29.09
N VAL C 122 -11.47 9.99 -29.65
CA VAL C 122 -12.14 10.68 -30.72
C VAL C 122 -13.62 10.78 -30.33
N VAL C 123 -14.12 12.02 -30.26
CA VAL C 123 -15.49 12.34 -29.88
C VAL C 123 -16.02 13.34 -30.91
N GLN C 124 -17.03 12.92 -31.67
CA GLN C 124 -17.58 13.69 -32.79
C GLN C 124 -16.43 14.22 -33.65
N ASN C 125 -15.49 13.34 -33.94
CA ASN C 125 -14.41 13.57 -34.92
C ASN C 125 -13.40 14.60 -34.39
N ARG C 126 -13.45 14.92 -33.10
CA ARG C 126 -12.45 15.76 -32.43
C ARG C 126 -11.48 14.81 -31.69
N GLU C 127 -10.19 14.84 -32.07
CA GLU C 127 -9.21 13.87 -31.55
C GLU C 127 -8.44 14.53 -30.40
N LYS C 128 -8.47 13.88 -29.24
CA LYS C 128 -7.81 14.38 -28.05
C LYS C 128 -6.79 13.33 -27.60
N PHE C 129 -5.61 13.79 -27.17
CA PHE C 129 -4.63 12.87 -26.66
C PHE C 129 -3.91 13.50 -25.47
N TRP C 130 -3.42 12.62 -24.59
CA TRP C 130 -2.68 13.02 -23.43
C TRP C 130 -1.75 11.90 -23.00
N ILE C 131 -0.73 12.30 -22.23
CA ILE C 131 0.27 11.42 -21.70
C ILE C 131 0.32 11.63 -20.18
N THR C 132 0.35 10.53 -19.42
CA THR C 132 0.50 10.62 -17.98
C THR C 132 1.87 10.09 -17.59
N LEU C 133 2.50 10.77 -16.64
CA LEU C 133 3.63 10.27 -15.92
C LEU C 133 3.11 9.68 -14.60
N TYR C 134 3.25 8.36 -14.46
CA TYR C 134 2.83 7.61 -13.28
C TYR C 134 4.04 7.36 -12.38
N GLY C 135 3.83 7.55 -11.07
CA GLY C 135 4.84 7.19 -10.06
C GLY C 135 4.22 6.31 -8.99
N ARG C 136 4.98 5.34 -8.48
CA ARG C 136 4.55 4.57 -7.32
C ARG C 136 4.58 5.49 -6.08
N THR C 137 5.45 6.51 -6.12
CA THR C 137 5.48 7.60 -5.18
C THR C 137 5.05 8.89 -5.88
N LYS C 138 4.69 9.91 -5.07
CA LYS C 138 4.08 11.14 -5.56
C LYS C 138 5.14 12.09 -6.14
N GLU C 139 6.41 11.87 -5.78
CA GLU C 139 7.48 12.69 -6.35
C GLU C 139 8.56 11.75 -6.88
N LEU C 140 9.01 12.05 -8.11
CA LEU C 140 9.99 11.27 -8.80
C LEU C 140 11.26 12.09 -8.99
N THR C 141 12.33 11.41 -9.41
CA THR C 141 13.63 12.03 -9.72
C THR C 141 13.43 13.06 -10.84
N SER C 142 14.29 14.09 -10.83
CA SER C 142 14.36 15.07 -11.92
C SER C 142 14.55 14.36 -13.27
N GLU C 143 15.40 13.33 -13.27
CA GLU C 143 15.74 12.56 -14.46
C GLU C 143 14.47 12.06 -15.13
N LEU C 144 13.53 11.49 -14.36
CA LEU C 144 12.31 10.92 -14.91
C LEU C 144 11.37 12.03 -15.40
N LYS C 145 11.30 13.14 -14.67
CA LYS C 145 10.47 14.27 -15.06
C LYS C 145 10.97 14.85 -16.40
N GLU C 146 12.30 14.91 -16.57
CA GLU C 146 12.92 15.37 -17.82
C GLU C 146 12.56 14.42 -18.99
N ASN C 147 12.67 13.10 -18.79
CA ASN C 147 12.32 12.13 -19.85
C ASN C 147 10.88 12.37 -20.33
N PHE C 148 9.98 12.57 -19.36
CA PHE C 148 8.57 12.77 -19.62
C PHE C 148 8.37 14.05 -20.47
N ILE C 149 9.02 15.14 -20.06
CA ILE C 149 8.89 16.41 -20.77
C ILE C 149 9.40 16.22 -22.21
N ARG C 150 10.55 15.57 -22.35
CA ARG C 150 11.19 15.26 -23.62
C ARG C 150 10.24 14.42 -24.50
N PHE C 151 9.62 13.41 -23.91
CA PHE C 151 8.73 12.54 -24.67
C PHE C 151 7.51 13.33 -25.19
N SER C 152 6.94 14.17 -24.31
CA SER C 152 5.77 15.00 -24.62
C SER C 152 6.06 15.91 -25.82
N LYS C 153 7.20 16.60 -25.77
CA LYS C 153 7.66 17.48 -26.84
C LYS C 153 7.81 16.68 -28.14
N SER C 154 8.32 15.44 -28.06
CA SER C 154 8.52 14.60 -29.26
C SER C 154 7.17 14.27 -29.91
N LEU C 155 6.08 14.38 -29.16
CA LEU C 155 4.73 14.15 -29.70
C LEU C 155 4.03 15.48 -30.04
N GLY C 156 4.77 16.59 -30.00
CA GLY C 156 4.27 17.90 -30.42
C GLY C 156 3.56 18.66 -29.31
N LEU C 157 3.78 18.26 -28.05
CA LEU C 157 3.22 18.96 -26.89
C LEU C 157 4.28 19.87 -26.28
N PRO C 158 4.13 21.21 -26.38
CA PRO C 158 5.10 22.14 -25.80
C PRO C 158 4.93 22.23 -24.28
N GLU C 159 5.86 22.93 -23.62
CA GLU C 159 6.05 22.86 -22.17
C GLU C 159 4.82 23.41 -21.45
N ASN C 160 4.12 24.38 -22.04
CA ASN C 160 2.94 24.99 -21.41
C ASN C 160 1.72 24.06 -21.48
N HIS C 161 1.86 22.89 -22.11
CA HIS C 161 0.80 21.88 -22.15
C HIS C 161 1.12 20.75 -21.17
N ILE C 162 2.21 20.90 -20.40
CA ILE C 162 2.71 19.89 -19.48
C ILE C 162 2.47 20.40 -18.08
N VAL C 163 1.90 19.55 -17.21
CA VAL C 163 1.46 19.95 -15.89
C VAL C 163 1.98 18.95 -14.86
N PHE C 164 2.46 19.48 -13.73
CA PHE C 164 2.86 18.68 -12.58
C PHE C 164 1.90 18.99 -11.44
N PRO C 165 0.88 18.14 -11.19
CA PRO C 165 -0.09 18.40 -10.12
C PRO C 165 0.58 18.44 -8.72
N VAL C 166 -0.11 19.07 -7.76
CA VAL C 166 0.40 19.23 -6.40
C VAL C 166 0.09 17.97 -5.59
N PRO C 167 1.10 17.32 -4.99
CA PRO C 167 0.85 16.22 -4.05
C PRO C 167 -0.07 16.65 -2.91
N ILE C 168 -1.03 15.78 -2.57
CA ILE C 168 -1.92 15.96 -1.41
C ILE C 168 -1.98 14.63 -0.67
N ASP C 169 -2.60 14.63 0.51
CA ASP C 169 -2.76 13.40 1.28
C ASP C 169 -4.20 12.87 1.17
N GLN C 170 -5.21 13.74 1.32
CA GLN C 170 -6.61 13.28 1.33
C GLN C 170 -6.92 12.42 0.10
N CYS C 171 -7.61 11.30 0.35
CA CYS C 171 -8.23 10.45 -0.64
C CYS C 171 -7.17 9.60 -1.35
N ILE C 172 -6.13 10.22 -1.90
CA ILE C 172 -5.18 9.52 -2.74
C ILE C 172 -4.23 8.65 -1.91
N ASP C 173 -4.15 8.84 -0.59
CA ASP C 173 -3.30 8.00 0.28
C ASP C 173 -4.01 6.67 0.59
N GLY C 174 -5.29 6.56 0.22
CA GLY C 174 -6.11 5.38 0.48
C GLY C 174 -5.65 4.18 -0.34
CAD F8W D . -12.93 -6.27 14.93
CAE F8W D . -12.43 -7.15 15.85
OAH F8W D . -12.12 -6.70 17.07
CAF F8W D . -12.24 -8.50 15.55
OAG F8W D . -11.73 -9.32 16.51
CAA F8W D . -12.56 -8.96 14.28
CAB F8W D . -13.07 -8.07 13.35
CAC F8W D . -13.26 -6.71 13.66
CAI F8W D . -13.79 -5.86 12.71
OAK F8W D . -13.85 -6.22 11.54
NAJ F8W D . -14.27 -4.67 13.18
CAL F8W D . -14.90 -3.67 12.32
CAM F8W D . -16.36 -4.07 12.07
CAN F8W D . -17.23 -3.80 13.31
NAO F8W D . -17.05 -4.74 14.43
CAP F8W D . -17.33 -6.14 14.07
CAQ F8W D . -17.52 -7.02 15.32
CAR F8W D . -16.17 -7.42 15.93
CAS F8W D . -16.39 -8.15 17.27
NAT F8W D . -15.19 -8.90 17.66
CAU F8W D . -15.20 -9.76 18.69
OAX F8W D . -16.24 -10.01 19.29
CAV F8W D . -13.90 -10.57 18.98
CAW F8W D . -12.97 -10.11 20.15
CBW F8W D . -12.08 -9.14 19.54
OBY F8W D . -10.86 -9.50 19.48
OBX F8W D . -12.65 -8.09 19.14
OAY F8W D . -12.03 -11.14 20.62
CAZ F8W D . -13.74 -9.45 21.32
CBA F8W D . -12.80 -9.02 22.49
OBD F8W D . -12.88 -9.57 23.59
NBB F8W D . -11.92 -8.03 22.25
CBC F8W D . -11.03 -7.49 23.28
CBE F8W D . -9.76 -8.33 23.50
CBF F8W D . -9.04 -7.78 24.73
CBG F8W D . -7.58 -8.27 24.79
NBH F8W D . -6.88 -7.81 26.02
CBI F8W D . -6.61 -6.36 26.07
CBJ F8W D . -5.43 -5.97 25.14
CBK F8W D . -5.81 -4.83 24.14
NBL F8W D . -6.54 -5.41 22.99
CBM F8W D . -5.90 -5.82 21.88
OBO F8W D . -4.68 -5.70 21.71
CBN F8W D . -6.69 -6.40 20.88
CBT F8W D . -8.07 -6.41 20.94
CBS F8W D . -8.81 -6.99 19.92
OBU F8W D . -10.16 -7.01 19.93
CBR F8W D . -8.18 -7.55 18.83
OBV F8W D . -9.00 -8.09 17.89
CBQ F8W D . -6.79 -7.55 18.74
CBP F8W D . -6.06 -6.97 19.76
GA GA E . -11.04 -8.13 18.29
CAD F8W F . 17.45 8.97 6.97
CAE F8W F . 18.42 9.24 6.05
OAH F8W F . 18.56 10.52 5.62
CAF F8W F . 19.27 8.25 5.55
OAG F8W F . 20.25 8.59 4.65
CAA F8W F . 19.10 6.95 5.99
CAB F8W F . 18.10 6.67 6.92
CAC F8W F . 17.27 7.67 7.42
CAI F8W F . 16.28 7.38 8.36
OAK F8W F . 16.00 6.21 8.58
NAJ F8W F . 15.75 8.42 9.05
CAL F8W F . 14.74 8.21 10.09
CAM F8W F . 15.43 7.89 11.42
CAN F8W F . 16.18 9.12 11.99
NAO F8W F . 17.48 9.44 11.34
CAP F8W F . 18.46 8.32 11.27
CAQ F8W F . 19.87 8.83 10.90
CAR F8W F . 19.98 9.22 9.40
CAS F8W F . 21.34 9.90 9.12
NAT F8W F . 21.74 9.76 7.70
CAU F8W F . 22.96 10.15 7.27
OAX F8W F . 23.80 10.55 8.08
CAV F8W F . 23.35 9.87 5.78
CAW F8W F . 23.23 11.03 4.76
CBW F8W F . 21.86 11.04 4.33
OBY F8W F . 21.70 10.66 3.12
OBX F8W F . 21.05 11.42 5.20
OAY F8W F . 23.84 10.82 3.43
CAZ F8W F . 23.60 12.38 5.44
CBA F8W F . 23.56 13.57 4.47
OBD F8W F . 24.62 14.13 4.19
NBB F8W F . 22.35 13.92 3.94
CBC F8W F . 22.16 15.07 3.01
CBE F8W F . 22.54 14.72 1.57
CBF F8W F . 22.69 16.01 0.74
CBG F8W F . 22.37 15.75 -0.74
NBH F8W F . 22.36 16.99 -1.55
CBI F8W F . 21.12 17.80 -1.34
CBJ F8W F . 19.90 17.31 -2.16
CBK F8W F . 18.60 17.17 -1.30
NBL F8W F . 18.69 15.97 -0.43
CBM F8W F . 18.45 14.75 -0.95
OBO F8W F . 18.13 14.62 -2.13
CBN F8W F . 18.59 13.63 -0.12
CBT F8W F . 19.08 13.70 1.18
CBS F8W F . 19.22 12.55 1.93
OBU F8W F . 19.68 12.61 3.21
CBR F8W F . 18.88 11.30 1.40
OBV F8W F . 19.02 10.20 2.19
CBQ F8W F . 18.39 11.21 0.11
CBP F8W F . 18.27 12.37 -0.65
GA GA G . 19.96 10.66 4.07
CAD F8W H . 6.74 10.80 27.87
CAE F8W H . 5.70 11.04 28.75
OAH F8W H . 4.44 10.57 28.53
CAF F8W H . 5.91 11.76 29.93
OAG F8W H . 4.86 11.95 30.75
CAA F8W H . 7.16 12.26 30.23
CAB F8W H . 8.21 12.03 29.36
CAC F8W H . 8.00 11.31 28.20
CAI F8W H . 9.07 11.09 27.35
OAK F8W H . 10.10 10.56 27.77
NAJ F8W H . 8.89 11.48 26.10
CAL F8W H . 9.90 11.30 25.07
CAM F8W H . 9.16 10.96 23.80
CAN F8W H . 8.44 9.62 23.98
NAO F8W H . 8.16 9.12 22.64
CAP F8W H . 7.45 7.86 22.67
CAQ F8W H . 6.59 7.77 21.41
CAR F8W H . 6.34 6.31 21.11
CAS F8W H . 5.19 6.22 20.12
NAT F8W H . 4.69 4.85 20.23
CAU F8W H . 3.41 4.55 20.04
OAX F8W H . 2.58 5.39 19.72
CAV F8W H . 3.06 3.04 20.21
CAW F8W H . 1.99 2.73 21.29
CBW F8W H . 1.73 1.19 21.29
OBY F8W H . 2.70 0.42 21.56
OBX F8W H . 0.57 0.79 21.01
OAY F8W H . 0.80 3.41 20.98
CAZ F8W H . 2.37 3.27 22.69
CBA F8W H . 1.53 2.63 23.85
OBD F8W H . 2.10 2.38 24.91
NBB F8W H . 0.21 2.44 23.63
CBC F8W H . -0.70 1.80 24.61
CBE F8W H . -0.87 0.29 24.24
CBF F8W H . -1.73 -0.47 25.28
CAD F8W I . -0.06 9.34 17.99
CAE F8W I . -0.01 8.13 18.66
OAH F8W I . 0.20 6.95 18.00
CAF F8W I . -0.17 8.10 20.04
OAG F8W I . -0.10 6.89 20.67
CAA F8W I . -0.38 9.28 20.75
CAB F8W I . -0.43 10.49 20.07
CAC F8W I . -0.26 10.54 18.69
CAI F8W I . -0.33 11.78 18.05
OAK F8W I . -0.67 12.77 18.71
NAJ F8W I . -0.10 11.82 16.71
CAL F8W I . -0.20 13.04 15.90
CAM F8W I . -1.15 12.77 14.73
CBI F8W I . -1.91 20.52 2.31
CBJ F8W I . -1.16 19.72 1.24
CBK F8W I . -1.11 20.46 -0.11
NBL F8W I . 0.23 20.33 -0.73
CBM F8W I . 1.18 21.29 -0.62
OBO F8W I . 0.96 22.36 -0.06
CBN F8W I . 2.45 21.07 -1.20
CBT F8W I . 2.92 19.82 -1.60
CBS F8W I . 4.22 19.72 -2.15
OBU F8W I . 4.76 18.55 -2.59
CBR F8W I . 5.03 20.86 -2.27
OBV F8W I . 6.26 20.67 -2.82
CBQ F8W I . 4.58 22.09 -1.87
CBP F8W I . 3.30 22.20 -1.34
GA GA J . -0.93 2.39 19.92
GA GA K . 0.38 4.97 19.28
CAD F8W L . -8.40 10.88 -16.00
CAE F8W L . -9.43 10.31 -16.73
OAH F8W L . -10.71 10.69 -16.48
CAF F8W L . -9.16 9.38 -17.73
OAG F8W L . -10.20 8.84 -18.44
CAA F8W L . -7.86 9.00 -17.99
CAB F8W L . -6.84 9.57 -17.26
CAC F8W L . -7.09 10.51 -16.27
CAI F8W L . -6.02 11.05 -15.56
OAK F8W L . -4.96 10.44 -15.54
NAJ F8W L . -6.23 12.25 -14.97
CAL F8W L . -5.18 12.94 -14.21
CAM F8W L . -4.38 13.87 -15.13
CAN F8W L . -5.25 15.08 -15.56
NAO F8W L . -6.27 14.83 -16.59
CAP F8W L . -5.77 14.11 -17.80
CAQ F8W L . -6.78 14.15 -18.95
CAR F8W L . -7.88 13.07 -18.77
CAS F8W L . -9.01 13.32 -19.77
NAT F8W L . -9.78 12.09 -20.11
CAU F8W L . -10.69 12.06 -21.10
OAX F8W L . -10.92 13.03 -21.82
CAV F8W L . -11.38 10.72 -21.40
CAW F8W L . -12.88 10.64 -21.00
CBW F8W L . -12.92 10.01 -19.67
OBY F8W L . -13.45 8.85 -19.62
OBX F8W L . -12.40 10.70 -18.75
OAY F8W L . -13.63 9.77 -21.83
CAZ F8W L . -13.57 12.03 -20.94
CBA F8W L . -15.03 11.95 -20.45
OBD F8W L . -15.96 12.10 -21.24
NBB F8W L . -15.20 11.75 -19.13
CBC F8W L . -16.52 11.71 -18.48
CBE F8W L . -17.24 10.38 -18.65
CBF F8W L . -18.62 10.48 -17.94
CBG F8W L . -19.17 9.08 -17.61
NBH F8W L . -20.58 9.13 -17.19
CBI F8W L . -20.78 9.70 -15.84
CBJ F8W L . -20.65 8.65 -14.73
CBK F8W L . -19.61 9.09 -13.68
NBL F8W L . -18.21 9.04 -14.18
CBM F8W L . -17.65 7.89 -14.58
OBO F8W L . -18.25 6.82 -14.63
CBN F8W L . -16.33 7.94 -15.03
CBT F8W L . -15.78 9.05 -15.63
CBS F8W L . -14.46 9.01 -16.06
OBU F8W L . -13.86 10.08 -16.64
CBR F8W L . -13.70 7.87 -15.90
OBV F8W L . -12.42 7.89 -16.36
CBQ F8W L . -14.23 6.73 -15.31
CBP F8W L . -15.55 6.79 -14.89
GA GA M . -12.15 9.62 -17.65
CAD F8W N . 4.87 29.35 -9.26
CAE F8W N . 5.53 30.22 -8.41
OAH F8W N . 6.22 29.78 -7.35
CAF F8W N . 5.48 31.59 -8.62
OAG F8W N . 6.15 32.40 -7.75
CAA F8W N . 4.79 32.10 -9.69
CAB F8W N . 4.14 31.23 -10.55
CAC F8W N . 4.15 29.86 -10.34
CAI F8W N . 3.52 29.01 -11.24
OAK F8W N . 3.77 29.09 -12.44
NAJ F8W N . 2.68 28.11 -10.75
CAL F8W N . 1.99 27.16 -11.63
CAM F8W N . 1.81 25.84 -10.90
CAN F8W N . 3.14 25.11 -10.77
NAO F8W N . 2.86 23.83 -10.10
CAP F8W N . 4.07 23.16 -9.63
CAQ F8W N . 3.72 22.05 -8.66
CAR F8W N . 4.85 21.03 -8.71
CAS F8W N . 4.60 19.92 -7.69
NAT F8W N . 5.86 19.18 -7.58
CAU F8W N . 6.34 18.72 -6.42
OAX F8W N . 5.76 18.85 -5.33
CAV F8W N . 7.70 18.00 -6.53
CAW F8W N . 8.78 18.79 -5.80
CBW F8W N . 10.10 18.00 -5.85
OBY F8W N . 10.61 17.83 -6.97
OBX F8W N . 10.57 17.58 -4.77
OAY F8W N . 8.36 18.95 -4.46
CAZ F8W N . 8.93 20.22 -6.40
CBA F8W N . 10.33 20.85 -6.14
OBD F8W N . 10.98 21.27 -7.09
NBB F8W N . 10.79 20.88 -4.87
CBC F8W N . 12.15 21.38 -4.52
CBE F8W N . 13.21 20.31 -4.93
CBF F8W N . 14.50 20.40 -4.08
GA GA O . 6.66 18.59 -3.37
GA GA P . 9.37 17.73 -2.97
#